data_5JUE
#
_entry.id   5JUE
#
_cell.length_a   40.673
_cell.length_b   44.909
_cell.length_c   58.094
_cell.angle_alpha   97.620
_cell.angle_beta   99.100
_cell.angle_gamma   94.090
#
_symmetry.space_group_name_H-M   'P 1'
#
loop_
_entity.id
_entity.type
_entity.pdbx_description
1 polymer 'light chain of UIC2 Fab'
2 polymer 'heavy chain of UIC2 Fab'
3 non-polymer GLYCEROL
4 water water
#
loop_
_entity_poly.entity_id
_entity_poly.type
_entity_poly.pdbx_seq_one_letter_code
_entity_poly.pdbx_strand_id
1 'polypeptide(L)'
;QVVMTQSPLSLPVSLGDQASISCRSSQSLLHSNGNTYLHWYLQKPGQSPKLLIYKVSNRFSGVPDRFSGSGSGTDFTLKI
SRVEAEDLGVYFCSQSTHIPPWTFGGGTKLDIKRADAAPTVSIFPPSSEQLTSGGASVVCFLNNFYPKDINVKWKIDGSE
RQNGVLNSWTDQDSKDSTYSMSSTLTLTKDEYERHNSYTCEATHKTSTSPIVKSFNRNEC
;
L
2 'polypeptide(L)'
;EVQLQESGPELVKTGASVKISCKASGYSFSNYYIHWVKQSHGKSLEWIGFISCYNGATFYNQKFKGKATFTVDNSSSTAY
MKFNSLTFEDSAVYYCARLPIQFGNFYPMDYWGQGTTVTVSSAKTTAPSVYPLAPVCGDTTGSSVTLGCLVKGYFPEPVT
LTWNSGSLSSGVHTFPAVLQSDLYTLSSSVTVTSSTWPSQSITCNVAHPASSTKVDKKIEPRGPT
;
H
#
# COMPACT_ATOMS: atom_id res chain seq x y z
N GLN A 1 -3.88 -12.42 25.01
CA GLN A 1 -4.07 -11.84 23.65
C GLN A 1 -4.89 -12.78 22.77
N VAL A 2 -6.08 -12.33 22.39
CA VAL A 2 -6.93 -13.06 21.46
C VAL A 2 -6.46 -12.77 20.04
N VAL A 3 -6.06 -13.81 19.32
CA VAL A 3 -5.61 -13.66 17.94
C VAL A 3 -6.80 -13.80 17.01
N MET A 4 -6.98 -12.83 16.13
CA MET A 4 -8.04 -12.84 15.13
C MET A 4 -7.44 -13.18 13.79
N THR A 5 -7.94 -14.23 13.14
CA THR A 5 -7.43 -14.67 11.84
C THR A 5 -8.51 -14.47 10.79
N GLN A 6 -8.18 -13.74 9.74
CA GLN A 6 -9.12 -13.46 8.66
C GLN A 6 -8.68 -14.15 7.37
N SER A 7 -9.67 -14.57 6.59
CA SER A 7 -9.47 -15.11 5.27
C SER A 7 -10.60 -14.66 4.36
N PRO A 8 -10.35 -14.55 3.04
CA PRO A 8 -9.00 -14.65 2.45
C PRO A 8 -8.30 -13.31 2.57
N LEU A 9 -7.02 -13.18 2.26
CA LEU A 9 -6.43 -11.84 2.31
C LEU A 9 -6.98 -10.99 1.17
N SER A 10 -7.32 -11.62 0.05
CA SER A 10 -7.88 -10.94 -1.11
C SER A 10 -9.09 -11.74 -1.55
N LEU A 11 -10.21 -11.07 -1.82
CA LEU A 11 -11.47 -11.75 -2.13
C LEU A 11 -12.03 -11.20 -3.43
N PRO A 12 -11.91 -11.93 -4.54
CA PRO A 12 -12.55 -11.47 -5.77
C PRO A 12 -14.06 -11.63 -5.69
N VAL A 13 -14.77 -10.66 -6.26
CA VAL A 13 -16.23 -10.72 -6.34
C VAL A 13 -16.67 -9.86 -7.52
N SER A 14 -17.69 -10.32 -8.23
CA SER A 14 -18.28 -9.53 -9.30
C SER A 14 -19.37 -8.63 -8.72
N LEU A 15 -19.50 -7.43 -9.28
CA LEU A 15 -20.50 -6.50 -8.80
C LEU A 15 -21.88 -7.13 -8.87
N GLY A 16 -22.70 -6.85 -7.86
CA GLY A 16 -24.02 -7.44 -7.75
C GLY A 16 -24.08 -8.75 -7.00
N ASP A 17 -22.95 -9.41 -6.77
CA ASP A 17 -22.93 -10.67 -6.03
C ASP A 17 -22.69 -10.43 -4.56
N GLN A 18 -22.94 -11.46 -3.75
CA GLN A 18 -22.68 -11.41 -2.32
C GLN A 18 -21.24 -11.81 -2.03
N ALA A 19 -20.56 -11.02 -1.19
CA ALA A 19 -19.23 -11.34 -0.69
C ALA A 19 -19.34 -11.83 0.74
N SER A 20 -18.47 -12.77 1.12
CA SER A 20 -18.49 -13.36 2.45
C SER A 20 -17.08 -13.35 3.01
N ILE A 21 -16.90 -12.67 4.14
CA ILE A 21 -15.59 -12.54 4.77
C ILE A 21 -15.65 -13.23 6.11
N SER A 22 -14.62 -14.00 6.42
CA SER A 22 -14.62 -14.86 7.60
C SER A 22 -13.59 -14.35 8.60
N CYS A 23 -13.90 -14.56 9.88
CA CYS A 23 -13.03 -14.19 10.98
C CYS A 23 -13.06 -15.36 11.97
N ARG A 24 -11.90 -15.75 12.46
CA ARG A 24 -11.81 -16.77 13.48
C ARG A 24 -11.03 -16.22 14.66
N SER A 25 -11.52 -16.45 15.88
CA SER A 25 -10.79 -16.05 17.07
C SER A 25 -10.15 -17.28 17.70
N SER A 26 -9.03 -17.04 18.41
CA SER A 26 -8.29 -18.11 19.04
C SER A 26 -8.94 -18.58 20.33
N GLN A 27 -10.00 -17.90 20.75
CA GLN A 27 -10.68 -18.16 22.00
C GLN A 27 -12.10 -17.64 21.84
N SER A 28 -13.06 -18.35 22.40
CA SER A 28 -14.45 -17.95 22.20
C SER A 28 -14.66 -16.49 22.58
N LEU A 29 -15.44 -15.79 21.78
CA LEU A 29 -15.81 -14.42 22.06
C LEU A 29 -17.14 -14.29 22.79
N LEU A 30 -17.74 -15.40 23.22
CA LEU A 30 -18.93 -15.31 24.08
C LEU A 30 -18.50 -14.90 25.48
N HIS A 31 -18.95 -13.73 25.91
CA HIS A 31 -18.71 -13.28 27.28
C HIS A 31 -19.65 -14.01 28.24
N SER A 32 -19.21 -14.10 29.51
CA SER A 32 -20.07 -14.71 30.51
C SER A 32 -21.39 -13.96 30.67
N ASN A 33 -21.49 -12.71 30.20
CA ASN A 33 -22.75 -11.98 30.29
C ASN A 33 -23.71 -12.30 29.14
N GLY A 34 -23.37 -13.25 28.27
CA GLY A 34 -24.25 -13.70 27.22
C GLY A 34 -24.08 -12.98 25.90
N ASN A 35 -23.30 -11.90 25.85
CA ASN A 35 -23.07 -11.16 24.62
C ASN A 35 -21.76 -11.61 23.98
N THR A 36 -21.67 -11.36 22.67
CA THR A 36 -20.50 -11.71 21.88
C THR A 36 -20.01 -10.45 21.17
N TYR A 37 -18.79 -10.02 21.49
CA TYR A 37 -18.30 -8.71 21.08
C TYR A 37 -17.32 -8.86 19.92
N LEU A 38 -17.90 -9.15 18.76
CA LEU A 38 -17.17 -9.27 17.50
C LEU A 38 -17.71 -8.20 16.57
N HIS A 39 -16.82 -7.39 15.99
CA HIS A 39 -17.19 -6.23 15.20
C HIS A 39 -16.45 -6.23 13.87
N TRP A 40 -17.02 -5.53 12.90
CA TRP A 40 -16.49 -5.45 11.54
C TRP A 40 -16.34 -4.00 11.13
N TYR A 41 -15.23 -3.72 10.43
CA TYR A 41 -14.91 -2.38 9.96
C TYR A 41 -14.58 -2.43 8.47
N LEU A 42 -14.71 -1.27 7.82
CA LEU A 42 -14.27 -1.04 6.46
C LEU A 42 -13.24 0.07 6.45
N GLN A 43 -12.10 -0.16 5.79
CA GLN A 43 -11.14 0.91 5.54
C GLN A 43 -10.85 1.01 4.04
N LYS A 44 -11.05 2.13 3.54
CA LYS A 44 -10.63 2.58 2.23
C LYS A 44 -9.28 3.29 2.31
N PRO A 45 -8.47 3.24 1.25
CA PRO A 45 -7.12 3.84 1.31
C PRO A 45 -7.15 5.29 1.76
N GLY A 46 -6.35 5.60 2.77
CA GLY A 46 -6.19 6.97 3.23
C GLY A 46 -7.37 7.54 3.98
N GLN A 47 -8.38 6.73 4.29
CA GLN A 47 -9.57 7.16 5.00
C GLN A 47 -9.65 6.52 6.37
N SER A 48 -10.44 7.14 7.24
CA SER A 48 -10.66 6.56 8.55
C SER A 48 -11.36 5.21 8.41
N PRO A 49 -10.96 4.20 9.19
CA PRO A 49 -11.82 3.01 9.33
C PRO A 49 -13.23 3.40 9.77
N LYS A 50 -14.22 2.67 9.26
CA LYS A 50 -15.62 2.91 9.58
C LYS A 50 -16.22 1.67 10.21
N LEU A 51 -16.93 1.86 11.33
CA LEU A 51 -17.63 0.76 11.98
C LEU A 51 -18.86 0.38 11.18
N LEU A 52 -18.97 -0.91 10.84
CA LEU A 52 -20.10 -1.41 10.06
C LEU A 52 -21.07 -2.23 10.90
N ILE A 53 -20.55 -3.22 11.63
CA ILE A 53 -21.34 -4.17 12.39
C ILE A 53 -20.69 -4.28 13.76
N TYR A 54 -21.51 -4.33 14.80
CA TYR A 54 -20.98 -4.54 16.13
C TYR A 54 -21.79 -5.63 16.82
N LYS A 55 -21.14 -6.32 17.76
CA LYS A 55 -21.79 -7.39 18.51
C LYS A 55 -22.38 -8.43 17.55
N VAL A 56 -21.53 -8.90 16.65
CA VAL A 56 -21.78 -9.95 15.66
C VAL A 56 -22.68 -9.48 14.52
N SER A 57 -23.83 -8.86 14.82
CA SER A 57 -24.85 -8.64 13.80
C SER A 57 -25.56 -7.29 13.84
N ASN A 58 -25.19 -6.37 14.71
CA ASN A 58 -25.92 -5.12 14.82
C ASN A 58 -25.29 -4.11 13.86
N ARG A 59 -26.10 -3.57 12.96
CA ARG A 59 -25.62 -2.56 12.02
C ARG A 59 -25.45 -1.21 12.72
N PHE A 60 -24.30 -0.58 12.48
CA PHE A 60 -24.02 0.72 13.05
C PHE A 60 -24.74 1.81 12.27
N SER A 61 -24.69 3.02 12.80
CA SER A 61 -25.47 4.12 12.23
C SER A 61 -25.10 4.30 10.75
N GLY A 62 -26.13 4.45 9.92
CA GLY A 62 -25.95 4.72 8.51
C GLY A 62 -25.53 3.54 7.66
N VAL A 63 -25.29 2.38 8.24
CA VAL A 63 -24.83 1.20 7.49
C VAL A 63 -26.03 0.54 6.82
N PRO A 64 -26.03 0.36 5.51
CA PRO A 64 -27.22 -0.20 4.85
C PRO A 64 -27.41 -1.68 5.15
N ASP A 65 -28.61 -2.18 4.91
CA ASP A 65 -28.94 -3.55 5.27
C ASP A 65 -28.36 -4.57 4.29
N ARG A 66 -27.57 -4.12 3.30
CA ARG A 66 -26.78 -5.06 2.51
C ARG A 66 -25.69 -5.71 3.34
N PHE A 67 -25.30 -5.11 4.44
CA PHE A 67 -24.30 -5.64 5.33
C PHE A 67 -24.98 -6.41 6.46
N SER A 68 -24.53 -7.64 6.68
CA SER A 68 -25.02 -8.41 7.82
C SER A 68 -23.88 -9.24 8.37
N GLY A 69 -23.99 -9.56 9.65
CA GLY A 69 -23.01 -10.38 10.31
C GLY A 69 -23.66 -11.54 11.04
N SER A 70 -22.92 -12.65 11.12
CA SER A 70 -23.40 -13.83 11.79
C SER A 70 -22.21 -14.56 12.43
N GLY A 71 -22.53 -15.62 13.17
CA GLY A 71 -21.53 -16.45 13.79
C GLY A 71 -21.70 -16.53 15.30
N SER A 72 -20.88 -17.38 15.89
CA SER A 72 -20.87 -17.60 17.33
C SER A 72 -19.55 -18.25 17.71
N GLY A 73 -19.21 -18.13 18.99
CA GLY A 73 -18.02 -18.77 19.53
C GLY A 73 -16.74 -18.20 18.96
N THR A 74 -16.08 -18.97 18.09
CA THR A 74 -14.83 -18.55 17.47
C THR A 74 -14.97 -18.23 15.98
N ASP A 75 -16.14 -18.39 15.38
CA ASP A 75 -16.26 -18.33 13.93
C ASP A 75 -17.33 -17.35 13.52
N PHE A 76 -16.97 -16.39 12.67
CA PHE A 76 -17.84 -15.27 12.32
C PHE A 76 -17.73 -14.95 10.84
N THR A 77 -18.81 -14.40 10.29
CA THR A 77 -18.89 -14.11 8.87
C THR A 77 -19.54 -12.76 8.65
N LEU A 78 -18.95 -11.95 7.76
CA LEU A 78 -19.54 -10.73 7.28
C LEU A 78 -20.02 -10.96 5.87
N LYS A 79 -21.30 -10.68 5.61
CA LYS A 79 -21.89 -10.83 4.30
C LYS A 79 -22.24 -9.47 3.73
N ILE A 80 -21.81 -9.23 2.50
CA ILE A 80 -22.11 -8.00 1.77
C ILE A 80 -22.92 -8.41 0.54
N SER A 81 -24.21 -8.09 0.55
CA SER A 81 -25.06 -8.38 -0.60
C SER A 81 -24.91 -7.30 -1.65
N ARG A 82 -25.08 -7.69 -2.92
CA ARG A 82 -25.08 -6.76 -4.04
C ARG A 82 -23.89 -5.80 -3.97
N VAL A 83 -22.68 -6.37 -4.07
CA VAL A 83 -21.48 -5.56 -3.91
C VAL A 83 -21.43 -4.47 -4.97
N GLU A 84 -21.12 -3.25 -4.53
CA GLU A 84 -20.97 -2.07 -5.38
C GLU A 84 -19.53 -1.56 -5.31
N ALA A 85 -19.23 -0.58 -6.16
CA ALA A 85 -17.88 -0.04 -6.20
C ALA A 85 -17.54 0.74 -4.93
N GLU A 86 -18.53 1.39 -4.31
CA GLU A 86 -18.24 2.09 -3.06
C GLU A 86 -18.04 1.14 -1.89
N ASP A 87 -18.27 -0.16 -2.08
CA ASP A 87 -17.97 -1.15 -1.04
C ASP A 87 -16.53 -1.60 -1.07
N LEU A 88 -15.77 -1.23 -2.10
CA LEU A 88 -14.42 -1.73 -2.26
C LEU A 88 -13.48 -1.15 -1.21
N GLY A 89 -12.60 -2.00 -0.68
CA GLY A 89 -11.73 -1.62 0.41
C GLY A 89 -11.34 -2.85 1.20
N VAL A 90 -10.75 -2.60 2.38
CA VAL A 90 -10.30 -3.65 3.28
C VAL A 90 -11.31 -3.77 4.41
N TYR A 91 -11.79 -4.98 4.66
CA TYR A 91 -12.69 -5.26 5.77
C TYR A 91 -11.92 -6.01 6.84
N PHE A 92 -12.07 -5.60 8.09
CA PHE A 92 -11.36 -6.26 9.16
C PHE A 92 -12.25 -6.41 10.39
N CYS A 93 -12.04 -7.50 11.11
CA CYS A 93 -12.78 -7.77 12.32
C CYS A 93 -11.97 -7.33 13.52
N SER A 94 -12.66 -7.18 14.65
CA SER A 94 -12.01 -6.90 15.92
C SER A 94 -12.86 -7.51 17.03
N GLN A 95 -12.20 -7.82 18.13
CA GLN A 95 -12.90 -8.34 19.30
C GLN A 95 -12.68 -7.42 20.48
N SER A 96 -13.70 -7.33 21.34
CA SER A 96 -13.59 -6.60 22.59
C SER A 96 -14.16 -7.41 23.74
N THR A 97 -14.24 -8.73 23.59
CA THR A 97 -14.72 -9.56 24.67
C THR A 97 -13.66 -9.74 25.75
N HIS A 98 -12.42 -9.96 25.33
CA HIS A 98 -11.30 -10.20 26.23
C HIS A 98 -10.33 -9.03 26.06
N ILE A 99 -10.38 -8.09 27.01
CA ILE A 99 -9.67 -6.82 26.87
C ILE A 99 -9.11 -6.41 28.22
N PRO A 100 -7.99 -5.68 28.21
CA PRO A 100 -7.13 -5.46 27.04
C PRO A 100 -6.34 -6.73 26.74
N PRO A 101 -5.71 -6.82 25.56
CA PRO A 101 -5.79 -5.81 24.49
C PRO A 101 -6.96 -6.02 23.55
N TRP A 102 -7.36 -4.94 22.89
CA TRP A 102 -8.24 -5.03 21.74
C TRP A 102 -7.41 -5.57 20.58
N THR A 103 -7.95 -6.55 19.86
CA THR A 103 -7.18 -7.17 18.79
C THR A 103 -8.03 -7.22 17.52
N PHE A 104 -7.31 -7.32 16.40
CA PHE A 104 -7.86 -7.07 15.07
C PHE A 104 -7.41 -8.17 14.13
N GLY A 105 -8.29 -8.53 13.19
CA GLY A 105 -7.89 -9.39 12.09
C GLY A 105 -7.06 -8.64 11.07
N GLY A 106 -6.43 -9.41 10.18
CA GLY A 106 -5.49 -8.87 9.22
C GLY A 106 -6.12 -8.24 8.00
N GLY A 107 -7.43 -8.35 7.87
CA GLY A 107 -8.09 -7.67 6.78
C GLY A 107 -8.30 -8.56 5.57
N THR A 108 -9.40 -8.30 4.88
CA THR A 108 -9.69 -8.90 3.59
C THR A 108 -10.00 -7.78 2.62
N LYS A 109 -9.25 -7.72 1.52
CA LYS A 109 -9.45 -6.68 0.50
C LYS A 109 -10.34 -7.25 -0.59
N LEU A 110 -11.40 -6.50 -0.92
CA LEU A 110 -12.25 -6.92 -2.04
C LEU A 110 -11.54 -6.71 -3.36
N ASP A 111 -11.72 -7.67 -4.26
CA ASP A 111 -11.19 -7.63 -5.62
C ASP A 111 -12.39 -7.72 -6.55
N ILE A 112 -12.44 -6.85 -7.55
CA ILE A 112 -13.49 -6.94 -8.57
C ILE A 112 -13.10 -8.02 -9.57
N LYS A 113 -14.02 -8.95 -9.82
CA LYS A 113 -13.82 -9.95 -10.86
C LYS A 113 -13.97 -9.34 -12.24
N ARG A 114 -13.13 -9.78 -13.17
CA ARG A 114 -13.26 -9.45 -14.58
C ARG A 114 -12.72 -10.60 -15.40
N ALA A 115 -12.76 -10.45 -16.73
CA ALA A 115 -12.23 -11.48 -17.61
C ALA A 115 -10.73 -11.61 -17.41
N ASP A 116 -10.23 -12.83 -17.48
CA ASP A 116 -8.79 -13.04 -17.43
C ASP A 116 -8.12 -12.24 -18.54
N ALA A 117 -6.91 -11.76 -18.24
CA ALA A 117 -6.10 -10.99 -19.18
C ALA A 117 -4.64 -11.34 -18.98
N ALA A 118 -3.97 -11.73 -20.06
CA ALA A 118 -2.54 -11.97 -20.01
C ALA A 118 -1.80 -10.63 -19.84
N PRO A 119 -0.67 -10.62 -19.14
CA PRO A 119 0.10 -9.39 -19.03
C PRO A 119 0.73 -9.02 -20.36
N THR A 120 0.86 -7.72 -20.56
CA THR A 120 1.67 -7.16 -21.63
C THR A 120 3.05 -6.89 -21.06
N VAL A 121 4.07 -7.54 -21.63
CA VAL A 121 5.40 -7.56 -21.03
C VAL A 121 6.37 -6.78 -21.90
N SER A 122 7.17 -5.94 -21.27
CA SER A 122 8.13 -5.08 -21.96
C SER A 122 9.40 -5.05 -21.14
N ILE A 123 10.56 -5.21 -21.79
CA ILE A 123 11.84 -5.23 -21.12
C ILE A 123 12.67 -4.04 -21.58
N PHE A 124 13.45 -3.47 -20.65
CA PHE A 124 14.21 -2.25 -20.90
C PHE A 124 15.65 -2.42 -20.47
N PRO A 125 16.61 -2.37 -21.38
CA PRO A 125 18.02 -2.33 -20.99
C PRO A 125 18.32 -1.07 -20.19
N PRO A 126 19.43 -1.05 -19.46
CA PRO A 126 19.89 0.19 -18.83
C PRO A 126 19.93 1.34 -19.81
N SER A 127 19.62 2.53 -19.32
CA SER A 127 19.82 3.73 -20.11
C SER A 127 21.31 4.02 -20.26
N SER A 128 21.66 4.65 -21.38
CA SER A 128 23.03 5.12 -21.56
C SER A 128 23.44 5.98 -20.38
N GLU A 129 22.50 6.78 -19.85
CA GLU A 129 22.82 7.71 -18.78
C GLU A 129 23.17 6.98 -17.48
N GLN A 130 22.46 5.90 -17.17
CA GLN A 130 22.80 5.13 -15.97
C GLN A 130 24.14 4.43 -16.13
N LEU A 131 24.41 3.91 -17.33
CA LEU A 131 25.69 3.24 -17.57
C LEU A 131 26.85 4.21 -17.40
N THR A 132 26.67 5.46 -17.85
CA THR A 132 27.73 6.44 -17.61
C THR A 132 27.96 6.67 -16.12
N SER A 133 26.93 6.45 -15.29
CA SER A 133 27.04 6.66 -13.85
C SER A 133 27.73 5.51 -13.12
N GLY A 134 27.91 4.36 -13.78
CA GLY A 134 28.51 3.22 -13.13
C GLY A 134 27.53 2.16 -12.69
N GLY A 135 26.26 2.27 -13.06
CA GLY A 135 25.25 1.33 -12.65
C GLY A 135 24.50 0.75 -13.85
N ALA A 136 23.71 -0.27 -13.56
CA ALA A 136 22.97 -0.97 -14.61
C ALA A 136 21.70 -1.55 -14.00
N SER A 137 20.55 -1.03 -14.40
CA SER A 137 19.27 -1.60 -14.02
C SER A 137 18.55 -2.06 -15.26
N VAL A 138 18.05 -3.30 -15.24
CA VAL A 138 17.19 -3.84 -16.29
C VAL A 138 15.77 -3.87 -15.74
N VAL A 139 14.81 -3.31 -16.50
CA VAL A 139 13.45 -3.16 -16.01
C VAL A 139 12.50 -3.97 -16.88
N CYS A 140 11.53 -4.60 -16.23
CA CYS A 140 10.50 -5.36 -16.91
C CYS A 140 9.16 -4.90 -16.38
N PHE A 141 8.27 -4.47 -17.28
CA PHE A 141 6.89 -4.15 -16.90
C PHE A 141 5.99 -5.30 -17.32
N LEU A 142 5.10 -5.69 -16.43
CA LEU A 142 4.10 -6.71 -16.70
C LEU A 142 2.75 -6.05 -16.44
N ASN A 143 2.07 -5.63 -17.50
CA ASN A 143 1.01 -4.65 -17.38
C ASN A 143 -0.35 -5.21 -17.77
N ASN A 144 -1.36 -4.79 -16.99
CA ASN A 144 -2.77 -4.96 -17.31
C ASN A 144 -3.18 -6.43 -17.40
N PHE A 145 -2.90 -7.17 -16.33
CA PHE A 145 -3.28 -8.58 -16.25
C PHE A 145 -4.31 -8.82 -15.17
N TYR A 146 -5.00 -9.95 -15.30
CA TYR A 146 -5.97 -10.40 -14.32
C TYR A 146 -6.05 -11.91 -14.42
N PRO A 147 -6.10 -12.64 -13.29
CA PRO A 147 -6.11 -12.17 -11.89
C PRO A 147 -4.76 -11.72 -11.39
N LYS A 148 -4.73 -11.34 -10.11
CA LYS A 148 -3.61 -10.56 -9.59
C LYS A 148 -2.35 -11.39 -9.40
N ASP A 149 -2.45 -12.71 -9.24
CA ASP A 149 -1.26 -13.51 -8.95
C ASP A 149 -0.41 -13.66 -10.20
N ILE A 150 0.90 -13.47 -10.04
CA ILE A 150 1.82 -13.55 -11.16
C ILE A 150 3.21 -13.81 -10.62
N ASN A 151 4.06 -14.44 -11.43
CA ASN A 151 5.45 -14.65 -11.07
C ASN A 151 6.35 -14.13 -12.18
N VAL A 152 7.43 -13.48 -11.79
CA VAL A 152 8.45 -13.02 -12.73
C VAL A 152 9.76 -13.74 -12.41
N LYS A 153 10.44 -14.18 -13.46
CA LYS A 153 11.74 -14.82 -13.34
C LYS A 153 12.73 -14.10 -14.25
N TRP A 154 13.91 -13.78 -13.72
CA TRP A 154 14.99 -13.18 -14.49
C TRP A 154 16.03 -14.23 -14.83
N LYS A 155 16.62 -14.09 -16.02
CA LYS A 155 17.74 -14.93 -16.42
C LYS A 155 18.81 -14.07 -17.06
N ILE A 156 20.05 -14.36 -16.74
CA ILE A 156 21.22 -13.76 -17.38
C ILE A 156 21.94 -14.87 -18.13
N ASP A 157 22.21 -14.65 -19.42
CA ASP A 157 22.82 -15.69 -20.24
C ASP A 157 22.17 -17.05 -19.96
N GLY A 158 20.85 -17.06 -19.83
CA GLY A 158 20.07 -18.27 -19.71
C GLY A 158 19.92 -18.83 -18.31
N SER A 159 20.63 -18.28 -17.34
CA SER A 159 20.65 -18.81 -15.99
C SER A 159 19.78 -17.94 -15.08
N GLU A 160 18.98 -18.60 -14.25
CA GLU A 160 18.07 -17.90 -13.36
C GLU A 160 18.86 -17.04 -12.39
N ARG A 161 18.34 -15.83 -12.17
CA ARG A 161 18.96 -14.82 -11.33
C ARG A 161 17.91 -14.29 -10.37
N GLN A 162 18.11 -14.51 -9.08
CA GLN A 162 17.22 -13.98 -8.05
C GLN A 162 17.80 -12.78 -7.31
N ASN A 163 19.11 -12.78 -7.06
CA ASN A 163 19.73 -11.66 -6.36
C ASN A 163 19.63 -10.37 -7.18
N GLY A 164 19.34 -9.26 -6.49
CA GLY A 164 19.34 -7.96 -7.13
C GLY A 164 18.01 -7.53 -7.71
N VAL A 165 16.95 -8.28 -7.44
CA VAL A 165 15.63 -8.05 -8.05
C VAL A 165 14.75 -7.33 -7.03
N LEU A 166 14.13 -6.24 -7.45
CA LEU A 166 13.13 -5.52 -6.66
C LEU A 166 11.85 -5.40 -7.46
N ASN A 167 10.72 -5.71 -6.82
CA ASN A 167 9.42 -5.74 -7.46
C ASN A 167 8.46 -4.75 -6.81
N SER A 168 7.53 -4.25 -7.61
CA SER A 168 6.46 -3.38 -7.11
C SER A 168 5.19 -3.67 -7.90
N TRP A 169 4.07 -3.55 -7.21
CA TRP A 169 2.76 -3.92 -7.77
C TRP A 169 1.78 -2.78 -7.59
N THR A 170 0.96 -2.54 -8.61
CA THR A 170 -0.12 -1.57 -8.46
C THR A 170 -1.34 -2.20 -7.79
N ASP A 171 -2.16 -1.35 -7.18
CA ASP A 171 -3.49 -1.77 -6.76
C ASP A 171 -4.37 -1.95 -8.00
N GLN A 172 -5.50 -2.62 -7.80
CA GLN A 172 -6.40 -2.90 -8.92
C GLN A 172 -6.83 -1.61 -9.60
N ASP A 173 -6.80 -1.60 -10.93
CA ASP A 173 -7.08 -0.37 -11.67
C ASP A 173 -8.57 -0.06 -11.66
N SER A 174 -8.90 1.22 -11.48
CA SER A 174 -10.30 1.60 -11.36
C SER A 174 -11.00 1.64 -12.71
N LYS A 175 -10.24 1.87 -13.80
CA LYS A 175 -10.82 1.86 -15.14
C LYS A 175 -11.18 0.44 -15.58
N ASP A 176 -10.17 -0.44 -15.67
CA ASP A 176 -10.33 -1.74 -16.29
C ASP A 176 -10.16 -2.93 -15.36
N SER A 177 -9.97 -2.71 -14.05
CA SER A 177 -9.91 -3.77 -13.05
C SER A 177 -8.72 -4.72 -13.25
N THR A 178 -7.68 -4.29 -13.96
CA THR A 178 -6.47 -5.10 -14.09
C THR A 178 -5.42 -4.69 -13.06
N TYR A 179 -4.36 -5.48 -13.02
CA TYR A 179 -3.21 -5.29 -12.16
C TYR A 179 -1.97 -5.12 -13.02
N SER A 180 -0.97 -4.45 -12.47
CA SER A 180 0.32 -4.32 -13.15
C SER A 180 1.47 -4.48 -12.18
N MET A 181 2.63 -4.80 -12.71
CA MET A 181 3.81 -5.09 -11.91
C MET A 181 5.05 -4.56 -12.61
N SER A 182 6.01 -4.10 -11.82
CA SER A 182 7.31 -3.67 -12.32
C SER A 182 8.38 -4.48 -11.59
N SER A 183 9.33 -5.00 -12.34
CA SER A 183 10.42 -5.76 -11.75
C SER A 183 11.74 -5.20 -12.26
N THR A 184 12.66 -4.90 -11.34
CA THR A 184 13.94 -4.30 -11.72
C THR A 184 15.09 -5.15 -11.21
N LEU A 185 15.96 -5.55 -12.12
CA LEU A 185 17.18 -6.25 -11.78
C LEU A 185 18.32 -5.24 -11.83
N THR A 186 18.98 -5.03 -10.70
CA THR A 186 20.07 -4.07 -10.62
C THR A 186 21.38 -4.82 -10.41
N LEU A 187 22.36 -4.52 -11.26
CA LEU A 187 23.70 -5.05 -11.19
C LEU A 187 24.66 -3.89 -11.30
N THR A 188 25.92 -4.14 -10.98
CA THR A 188 26.97 -3.20 -11.32
C THR A 188 27.13 -3.16 -12.83
N LYS A 189 27.52 -1.99 -13.35
CA LYS A 189 27.82 -1.90 -14.77
C LYS A 189 28.88 -2.93 -15.13
N ASP A 190 29.88 -3.09 -14.28
CA ASP A 190 30.92 -4.08 -14.50
C ASP A 190 30.33 -5.46 -14.73
N GLU A 191 29.36 -5.89 -13.91
CA GLU A 191 28.81 -7.22 -14.13
C GLU A 191 27.85 -7.26 -15.32
N TYR A 192 27.10 -6.18 -15.55
CA TYR A 192 26.19 -6.14 -16.68
C TYR A 192 26.93 -6.33 -18.00
N GLU A 193 28.07 -5.70 -18.15
CA GLU A 193 28.80 -5.70 -19.41
C GLU A 193 29.69 -6.93 -19.57
N ARG A 194 29.61 -7.89 -18.65
CA ARG A 194 30.27 -9.17 -18.85
C ARG A 194 29.38 -10.19 -19.53
N HIS A 195 28.08 -9.95 -19.58
CA HIS A 195 27.11 -10.90 -20.06
C HIS A 195 26.46 -10.38 -21.32
N ASN A 196 25.73 -11.26 -22.01
CA ASN A 196 25.13 -10.92 -23.29
C ASN A 196 23.60 -10.88 -23.26
N SER A 197 22.95 -11.91 -22.74
CA SER A 197 21.50 -12.05 -22.84
C SER A 197 20.85 -11.77 -21.50
N TYR A 198 19.71 -11.05 -21.54
CA TYR A 198 18.92 -10.71 -20.36
C TYR A 198 17.46 -10.97 -20.67
N THR A 199 16.78 -11.61 -19.74
CA THR A 199 15.47 -12.17 -20.00
C THR A 199 14.58 -11.98 -18.79
N CYS A 200 13.35 -11.55 -19.03
CA CYS A 200 12.30 -11.52 -18.03
CA CYS A 200 12.33 -11.56 -18.00
C CYS A 200 11.19 -12.44 -18.49
N GLU A 201 10.74 -13.34 -17.61
CA GLU A 201 9.75 -14.36 -17.92
C GLU A 201 8.57 -14.19 -16.98
N ALA A 202 7.38 -14.04 -17.53
CA ALA A 202 6.17 -13.87 -16.73
C ALA A 202 5.36 -15.15 -16.76
N THR A 203 4.98 -15.64 -15.58
CA THR A 203 4.10 -16.81 -15.48
C THR A 203 2.77 -16.37 -14.89
N HIS A 204 1.69 -16.66 -15.61
CA HIS A 204 0.35 -16.21 -15.25
C HIS A 204 -0.63 -17.30 -15.68
N LYS A 205 -1.72 -17.42 -14.92
CA LYS A 205 -2.65 -18.51 -15.16
C LYS A 205 -3.23 -18.48 -16.57
N THR A 206 -3.08 -17.38 -17.29
CA THR A 206 -3.60 -17.29 -18.65
C THR A 206 -2.82 -18.14 -19.65
N SER A 207 -1.66 -18.67 -19.29
CA SER A 207 -0.98 -19.58 -20.20
C SER A 207 -0.10 -20.54 -19.41
N THR A 208 -0.04 -21.80 -19.86
CA THR A 208 0.93 -22.73 -19.29
C THR A 208 2.34 -22.40 -19.73
N SER A 209 2.50 -21.55 -20.73
CA SER A 209 3.78 -21.09 -21.20
C SER A 209 4.07 -19.70 -20.65
N PRO A 210 5.26 -19.43 -20.13
CA PRO A 210 5.60 -18.06 -19.75
C PRO A 210 5.69 -17.14 -20.95
N ILE A 211 5.36 -15.88 -20.72
CA ILE A 211 5.65 -14.80 -21.66
C ILE A 211 7.09 -14.37 -21.43
N VAL A 212 7.91 -14.45 -22.48
CA VAL A 212 9.34 -14.24 -22.40
C VAL A 212 9.69 -13.01 -23.20
N LYS A 213 10.34 -12.05 -22.58
CA LYS A 213 10.94 -10.93 -23.29
C LYS A 213 12.41 -10.90 -23.00
N SER A 214 13.22 -10.73 -24.03
CA SER A 214 14.66 -10.83 -23.89
C SER A 214 15.32 -9.80 -24.79
N PHE A 215 16.57 -9.48 -24.47
CA PHE A 215 17.42 -8.77 -25.41
C PHE A 215 18.86 -9.26 -25.27
N ASN A 216 19.67 -8.97 -26.29
CA ASN A 216 21.10 -9.23 -26.28
C ASN A 216 21.84 -7.91 -26.37
N ARG A 217 22.76 -7.68 -25.42
CA ARG A 217 23.66 -6.53 -25.55
C ARG A 217 24.43 -6.49 -26.86
N ASN A 218 24.58 -7.63 -27.55
CA ASN A 218 25.46 -7.69 -28.71
C ASN A 218 24.86 -7.10 -29.97
N GLU A 219 23.54 -7.19 -30.16
CA GLU A 219 22.96 -6.77 -31.43
C GLU A 219 21.48 -6.51 -31.25
N CYS A 220 20.94 -5.61 -32.08
CA CYS A 220 19.51 -5.34 -32.11
C CYS A 220 18.79 -6.45 -32.87
N GLU B 1 -21.95 13.56 12.53
CA GLU B 1 -21.01 14.73 12.55
C GLU B 1 -19.86 14.51 13.54
N VAL B 2 -19.64 13.27 13.96
CA VAL B 2 -18.43 12.93 14.69
C VAL B 2 -17.25 12.97 13.73
N GLN B 3 -16.18 13.64 14.14
CA GLN B 3 -14.94 13.60 13.38
C GLN B 3 -13.74 13.63 14.32
N LEU B 4 -12.75 12.79 13.99
CA LEU B 4 -11.44 12.79 14.63
C LEU B 4 -10.42 13.16 13.56
N GLN B 5 -9.81 14.33 13.69
CA GLN B 5 -8.91 14.86 12.69
C GLN B 5 -7.48 14.75 13.23
N GLU B 6 -6.68 13.92 12.56
CA GLU B 6 -5.31 13.71 12.99
C GLU B 6 -4.33 14.61 12.25
N SER B 7 -3.20 14.86 12.91
CA SER B 7 -2.17 15.71 12.34
C SER B 7 -1.49 15.01 11.18
N GLY B 8 -0.68 15.79 10.46
CA GLY B 8 -0.14 15.40 9.17
C GLY B 8 1.03 14.46 9.28
N PRO B 9 1.52 14.03 8.11
CA PRO B 9 2.62 13.06 8.07
C PRO B 9 3.89 13.59 8.70
N GLU B 10 4.64 12.69 9.37
CA GLU B 10 5.90 13.03 10.03
C GLU B 10 7.05 12.19 9.46
N LEU B 11 8.20 12.85 9.28
CA LEU B 11 9.48 12.23 8.93
C LEU B 11 10.47 12.53 10.05
N VAL B 12 10.95 11.49 10.71
CA VAL B 12 11.70 11.66 11.94
C VAL B 12 12.99 10.86 11.88
N LYS B 13 14.04 11.39 12.51
CA LYS B 13 15.32 10.73 12.51
C LYS B 13 15.34 9.63 13.58
N THR B 14 16.12 8.58 13.32
CA THR B 14 16.30 7.51 14.28
C THR B 14 16.69 8.08 15.65
N GLY B 15 16.04 7.59 16.69
CA GLY B 15 16.33 7.99 18.05
C GLY B 15 15.62 9.24 18.52
N ALA B 16 14.96 9.98 17.64
CA ALA B 16 14.24 11.18 18.04
C ALA B 16 12.83 10.83 18.52
N SER B 17 12.05 11.85 18.83
CA SER B 17 10.67 11.69 19.25
C SER B 17 9.75 12.48 18.34
N VAL B 18 8.47 12.12 18.37
CA VAL B 18 7.44 12.85 17.65
C VAL B 18 6.17 12.83 18.47
N LYS B 19 5.35 13.87 18.31
CA LYS B 19 4.08 14.00 19.03
C LYS B 19 3.00 14.26 18.00
N ILE B 20 2.01 13.37 17.93
CA ILE B 20 0.92 13.48 16.96
C ILE B 20 -0.38 13.73 17.69
N SER B 21 -1.29 14.44 17.01
CA SER B 21 -2.51 14.94 17.61
C SER B 21 -3.74 14.34 16.95
N CYS B 22 -4.83 14.36 17.70
CA CYS B 22 -6.13 13.81 17.32
C CYS B 22 -7.17 14.78 17.86
N LYS B 23 -7.75 15.63 16.99
CA LYS B 23 -8.71 16.64 17.42
C LYS B 23 -10.13 16.14 17.16
N ALA B 24 -10.94 16.11 18.22
CA ALA B 24 -12.30 15.60 18.16
C ALA B 24 -13.30 16.73 17.95
N SER B 25 -14.44 16.40 17.35
CA SER B 25 -15.48 17.38 17.13
C SER B 25 -16.80 16.64 16.91
N GLY B 26 -17.89 17.31 17.22
CA GLY B 26 -19.21 16.74 17.01
C GLY B 26 -19.74 15.87 18.12
N TYR B 27 -19.11 15.87 19.30
CA TYR B 27 -19.61 15.09 20.41
C TYR B 27 -19.01 15.60 21.71
N SER B 28 -19.54 15.09 22.82
CA SER B 28 -19.06 15.45 24.16
C SER B 28 -17.74 14.74 24.42
N PHE B 29 -16.65 15.50 24.29
CA PHE B 29 -15.30 14.93 24.30
C PHE B 29 -15.03 14.09 25.55
N SER B 30 -15.47 14.55 26.71
CA SER B 30 -15.09 13.95 27.98
C SER B 30 -15.83 12.66 28.30
N ASN B 31 -16.79 12.23 27.46
CA ASN B 31 -17.53 11.01 27.71
C ASN B 31 -16.92 9.79 27.03
N TYR B 32 -15.66 9.87 26.61
CA TYR B 32 -15.07 8.83 25.78
C TYR B 32 -13.64 8.55 26.18
N TYR B 33 -13.22 7.32 25.92
CA TYR B 33 -11.81 7.00 25.77
C TYR B 33 -11.36 7.33 24.35
N ILE B 34 -10.08 7.69 24.22
CA ILE B 34 -9.36 7.71 22.95
C ILE B 34 -8.30 6.62 23.00
N HIS B 35 -8.39 5.67 22.08
CA HIS B 35 -7.38 4.63 21.89
C HIS B 35 -6.44 4.98 20.75
N TRP B 36 -5.23 4.44 20.83
CA TRP B 36 -4.23 4.58 19.77
C TRP B 36 -3.86 3.21 19.25
N VAL B 37 -3.74 3.11 17.92
CA VAL B 37 -3.57 1.84 17.23
C VAL B 37 -2.51 2.03 16.14
N LYS B 38 -1.61 1.06 16.02
CA LYS B 38 -0.54 1.08 15.02
C LYS B 38 -0.86 0.18 13.83
N GLN B 39 -0.53 0.66 12.63
CA GLN B 39 -0.73 -0.14 11.42
C GLN B 39 0.57 -0.07 10.62
N SER B 40 1.43 -1.05 10.83
CA SER B 40 2.60 -1.23 9.98
C SER B 40 2.13 -1.69 8.61
N HIS B 41 2.79 -1.19 7.57
CA HIS B 41 2.34 -1.48 6.21
C HIS B 41 2.15 -2.97 6.01
N GLY B 42 0.93 -3.35 5.63
CA GLY B 42 0.63 -4.75 5.35
C GLY B 42 0.65 -5.64 6.57
N LYS B 43 0.17 -5.15 7.71
CA LYS B 43 0.09 -5.96 8.92
C LYS B 43 -1.21 -5.63 9.63
N SER B 44 -1.56 -6.47 10.60
CA SER B 44 -2.77 -6.24 11.37
C SER B 44 -2.59 -5.04 12.29
N LEU B 45 -3.67 -4.27 12.45
CA LEU B 45 -3.70 -3.25 13.48
C LEU B 45 -3.25 -3.80 14.82
N GLU B 46 -2.47 -3.00 15.54
CA GLU B 46 -1.94 -3.38 16.84
C GLU B 46 -2.28 -2.29 17.83
N TRP B 47 -3.03 -2.65 18.87
CA TRP B 47 -3.48 -1.69 19.86
C TRP B 47 -2.31 -1.25 20.72
N ILE B 48 -2.20 0.06 20.93
CA ILE B 48 -1.14 0.64 21.76
C ILE B 48 -1.60 0.91 23.17
N GLY B 49 -2.79 1.46 23.35
CA GLY B 49 -3.23 1.90 24.66
C GLY B 49 -4.42 2.84 24.54
N PHE B 50 -4.87 3.32 25.70
CA PHE B 50 -5.96 4.29 25.72
C PHE B 50 -5.69 5.34 26.78
N ILE B 51 -6.37 6.46 26.61
CA ILE B 51 -6.48 7.50 27.63
C ILE B 51 -7.95 7.85 27.80
N SER B 52 -8.36 8.08 29.05
CA SER B 52 -9.71 8.55 29.32
C SER B 52 -9.76 10.06 29.13
N CYS B 53 -10.68 10.53 28.27
CA CYS B 53 -10.93 11.96 28.14
C CYS B 53 -11.75 12.50 29.31
N TYR B 54 -12.25 11.63 30.18
CA TYR B 54 -13.00 12.07 31.36
C TYR B 54 -12.09 12.48 32.50
N ASN B 55 -11.01 11.72 32.73
CA ASN B 55 -10.15 11.96 33.89
C ASN B 55 -8.67 11.76 33.61
N GLY B 56 -8.26 11.56 32.36
CA GLY B 56 -6.86 11.49 32.00
C GLY B 56 -6.16 10.18 32.33
N ALA B 57 -6.84 9.20 32.89
CA ALA B 57 -6.20 7.93 33.20
C ALA B 57 -5.72 7.26 31.92
N THR B 58 -4.57 6.60 32.00
CA THR B 58 -3.97 5.94 30.84
C THR B 58 -3.73 4.46 31.13
N PHE B 59 -3.68 3.68 30.06
CA PHE B 59 -3.25 2.29 30.11
C PHE B 59 -2.52 1.93 28.83
N TYR B 60 -1.35 1.32 28.97
CA TYR B 60 -0.46 1.06 27.83
C TYR B 60 -0.24 -0.44 27.67
N ASN B 61 -0.34 -0.90 26.42
CA ASN B 61 0.20 -2.20 26.02
C ASN B 61 1.66 -2.28 26.41
N GLN B 62 2.01 -3.30 27.19
CA GLN B 62 3.35 -3.42 27.75
C GLN B 62 4.45 -3.31 26.71
N LYS B 63 4.18 -3.78 25.49
CA LYS B 63 5.19 -3.70 24.43
C LYS B 63 5.52 -2.25 24.08
N PHE B 64 4.62 -1.31 24.38
CA PHE B 64 4.84 0.10 24.09
C PHE B 64 5.07 0.94 25.34
N LYS B 65 5.07 0.34 26.54
CA LYS B 65 5.41 1.08 27.74
C LYS B 65 6.84 1.62 27.62
N GLY B 66 7.00 2.88 28.00
CA GLY B 66 8.25 3.59 27.80
C GLY B 66 8.36 4.25 26.45
N LYS B 67 7.65 3.73 25.43
CA LYS B 67 7.72 4.27 24.07
C LYS B 67 6.68 5.37 23.85
N ALA B 68 5.44 5.12 24.22
CA ALA B 68 4.33 6.01 23.92
C ALA B 68 3.79 6.66 25.19
N THR B 69 3.46 7.95 25.10
CA THR B 69 2.85 8.70 26.19
C THR B 69 1.61 9.42 25.66
N PHE B 70 0.49 9.22 26.33
CA PHE B 70 -0.78 9.84 25.95
C PHE B 70 -1.05 11.05 26.84
N THR B 71 -1.60 12.10 26.22
CA THR B 71 -2.12 13.25 26.95
C THR B 71 -3.39 13.74 26.26
N VAL B 72 -4.17 14.54 26.98
CA VAL B 72 -5.34 15.21 26.41
C VAL B 72 -5.35 16.66 26.85
N ASP B 73 -5.75 17.54 25.93
CA ASP B 73 -6.06 18.93 26.22
C ASP B 73 -7.58 19.06 26.16
N ASN B 74 -8.22 19.00 27.32
CA ASN B 74 -9.67 19.03 27.39
C ASN B 74 -10.23 20.28 26.72
N SER B 75 -9.52 21.40 26.85
CA SER B 75 -10.07 22.66 26.36
C SER B 75 -10.15 22.68 24.83
N SER B 76 -9.23 21.99 24.15
CA SER B 76 -9.21 21.97 22.70
C SER B 76 -9.74 20.66 22.13
N SER B 77 -10.32 19.79 22.97
CA SER B 77 -10.86 18.52 22.51
C SER B 77 -9.83 17.74 21.72
N THR B 78 -8.59 17.75 22.18
CA THR B 78 -7.47 17.18 21.45
C THR B 78 -6.76 16.14 22.32
N ALA B 79 -6.53 14.97 21.74
CA ALA B 79 -5.69 13.94 22.34
C ALA B 79 -4.36 13.88 21.59
N TYR B 80 -3.30 13.56 22.33
CA TYR B 80 -1.96 13.52 21.79
C TYR B 80 -1.30 12.20 22.15
N MET B 81 -0.46 11.70 21.24
CA MET B 81 0.44 10.60 21.52
C MET B 81 1.87 11.04 21.22
N LYS B 82 2.75 10.91 22.20
CA LYS B 82 4.16 11.19 22.04
C LYS B 82 4.95 9.90 22.01
N PHE B 83 5.89 9.82 21.07
CA PHE B 83 6.73 8.65 20.85
C PHE B 83 8.18 9.06 20.99
N ASN B 84 8.92 8.36 21.85
CA ASN B 84 10.34 8.62 22.05
C ASN B 84 11.18 7.45 21.54
N SER B 85 12.46 7.72 21.32
CA SER B 85 13.43 6.71 20.91
C SER B 85 12.96 5.96 19.67
N LEU B 86 12.56 6.71 18.65
CA LEU B 86 11.97 6.12 17.46
C LEU B 86 13.00 5.28 16.69
N THR B 87 12.54 4.15 16.16
CA THR B 87 13.36 3.24 15.38
C THR B 87 12.64 2.93 14.07
N PHE B 88 13.39 2.32 13.14
CA PHE B 88 12.82 1.92 11.87
C PHE B 88 11.51 1.16 12.06
N GLU B 89 11.47 0.27 13.05
CA GLU B 89 10.27 -0.53 13.31
C GLU B 89 9.09 0.31 13.78
N ASP B 90 9.29 1.56 14.20
CA ASP B 90 8.16 2.42 14.54
C ASP B 90 7.51 3.06 13.32
N SER B 91 8.10 2.93 12.13
CA SER B 91 7.48 3.45 10.93
C SER B 91 6.15 2.73 10.67
N ALA B 92 5.06 3.49 10.66
CA ALA B 92 3.73 2.93 10.51
C ALA B 92 2.75 4.08 10.39
N VAL B 93 1.49 3.72 10.14
CA VAL B 93 0.38 4.64 10.26
C VAL B 93 -0.25 4.44 11.64
N TYR B 94 -0.46 5.54 12.36
CA TYR B 94 -1.02 5.51 13.69
C TYR B 94 -2.42 6.13 13.66
N TYR B 95 -3.38 5.44 14.27
CA TYR B 95 -4.76 5.90 14.34
C TYR B 95 -5.14 6.21 15.77
N CYS B 96 -5.99 7.23 15.92
CA CYS B 96 -6.76 7.39 17.13
C CYS B 96 -8.18 6.88 16.88
N ALA B 97 -8.83 6.41 17.94
CA ALA B 97 -10.21 5.96 17.81
C ALA B 97 -10.91 6.21 19.14
N ARG B 98 -12.17 6.62 19.10
CA ARG B 98 -12.87 6.89 20.34
C ARG B 98 -13.64 5.64 20.77
N LEU B 99 -13.88 5.55 22.07
CA LEU B 99 -14.65 4.44 22.63
C LEU B 99 -15.50 4.99 23.77
N PRO B 100 -16.82 4.88 23.68
CA PRO B 100 -17.70 5.53 24.67
C PRO B 100 -17.53 4.93 26.06
N ILE B 101 -17.78 5.76 27.05
CA ILE B 101 -17.79 5.30 28.44
C ILE B 101 -19.14 4.70 28.79
N GLN B 102 -20.22 5.09 28.12
CA GLN B 102 -21.55 4.97 28.67
C GLN B 102 -22.35 3.75 28.20
N PHE B 103 -21.79 2.94 27.29
CA PHE B 103 -22.49 1.78 26.76
C PHE B 103 -21.77 0.47 27.12
N GLY B 104 -21.11 0.45 28.27
CA GLY B 104 -20.41 -0.73 28.74
C GLY B 104 -18.98 -0.78 28.21
N ASN B 105 -18.14 -1.53 28.93
CA ASN B 105 -16.71 -1.52 28.61
C ASN B 105 -16.39 -2.25 27.33
N PHE B 106 -17.30 -3.08 26.82
CA PHE B 106 -17.04 -3.92 25.66
C PHE B 106 -17.55 -3.30 24.38
N TYR B 107 -18.04 -2.06 24.42
CA TYR B 107 -18.51 -1.41 23.20
C TYR B 107 -17.35 -1.17 22.25
N PRO B 108 -17.57 -1.27 20.95
CA PRO B 108 -16.46 -1.10 19.98
C PRO B 108 -15.94 0.33 19.92
N MET B 109 -14.70 0.46 19.44
CA MET B 109 -14.20 1.75 18.99
C MET B 109 -15.06 2.19 17.81
N ASP B 110 -15.82 3.27 17.94
CA ASP B 110 -16.90 3.47 16.99
C ASP B 110 -16.61 4.53 15.94
N TYR B 111 -15.67 5.44 16.20
CA TYR B 111 -15.24 6.39 15.19
C TYR B 111 -13.72 6.52 15.27
N TRP B 112 -13.11 6.61 14.10
CA TRP B 112 -11.67 6.59 13.95
C TRP B 112 -11.18 7.86 13.26
N GLY B 113 -9.95 8.26 13.57
CA GLY B 113 -9.26 9.25 12.78
C GLY B 113 -8.78 8.68 11.46
N GLN B 114 -8.24 9.56 10.62
CA GLN B 114 -7.81 9.15 9.28
C GLN B 114 -6.41 8.57 9.25
N GLY B 115 -5.70 8.61 10.37
CA GLY B 115 -4.35 8.08 10.43
C GLY B 115 -3.29 9.14 10.21
N THR B 116 -2.16 8.96 10.89
CA THR B 116 -0.96 9.76 10.70
C THR B 116 0.19 8.83 10.34
N THR B 117 0.80 9.05 9.16
CA THR B 117 1.97 8.28 8.79
C THR B 117 3.20 8.84 9.49
N VAL B 118 3.98 7.96 10.12
CA VAL B 118 5.25 8.29 10.73
C VAL B 118 6.31 7.44 10.04
N THR B 119 7.30 8.10 9.44
CA THR B 119 8.43 7.44 8.80
C THR B 119 9.69 7.76 9.58
N VAL B 120 10.44 6.73 9.97
CA VAL B 120 11.65 6.88 10.78
C VAL B 120 12.83 6.40 9.95
N SER B 121 13.86 7.24 9.86
CA SER B 121 15.02 6.89 9.07
C SER B 121 16.22 7.71 9.50
N SER B 122 17.42 7.13 9.33
CA SER B 122 18.68 7.83 9.56
C SER B 122 19.19 8.49 8.29
N ALA B 123 18.50 8.32 7.17
CA ALA B 123 19.02 8.74 5.88
C ALA B 123 18.99 10.25 5.76
N LYS B 124 19.85 10.76 4.88
CA LYS B 124 19.91 12.18 4.56
C LYS B 124 19.23 12.42 3.22
N THR B 125 18.74 13.64 3.03
CA THR B 125 18.08 14.00 1.79
C THR B 125 18.97 13.69 0.60
N THR B 126 18.37 13.09 -0.43
CA THR B 126 19.10 12.61 -1.61
C THR B 126 18.20 12.73 -2.83
N ALA B 127 18.63 13.52 -3.81
CA ALA B 127 17.88 13.66 -5.06
C ALA B 127 17.95 12.35 -5.86
N PRO B 128 16.89 12.02 -6.60
CA PRO B 128 16.92 10.81 -7.42
C PRO B 128 17.75 10.99 -8.68
N SER B 129 18.25 9.87 -9.17
CA SER B 129 18.72 9.77 -10.54
C SER B 129 17.52 9.35 -11.38
N VAL B 130 17.28 10.05 -12.47
CA VAL B 130 16.10 9.79 -13.31
C VAL B 130 16.60 9.31 -14.66
N TYR B 131 16.15 8.11 -15.04
CA TYR B 131 16.64 7.48 -16.27
C TYR B 131 15.49 7.24 -17.24
N PRO B 132 15.60 7.67 -18.50
CA PRO B 132 14.56 7.33 -19.48
C PRO B 132 14.75 5.90 -19.96
N LEU B 133 13.64 5.20 -20.14
CA LEU B 133 13.65 3.80 -20.57
C LEU B 133 12.98 3.72 -21.94
N ALA B 134 13.78 3.74 -22.98
CA ALA B 134 13.28 3.51 -24.32
C ALA B 134 13.20 2.02 -24.60
N PRO B 135 12.36 1.63 -25.55
CA PRO B 135 12.26 0.20 -25.86
C PRO B 135 13.57 -0.39 -26.31
N VAL B 136 13.63 -1.72 -26.27
CA VAL B 136 14.75 -2.42 -26.86
C VAL B 136 14.95 -1.92 -28.28
N CYS B 137 16.20 -1.83 -28.68
CA CYS B 137 16.49 -1.35 -30.03
C CYS B 137 15.97 -2.34 -31.06
N GLY B 138 15.45 -1.82 -32.14
CA GLY B 138 14.87 -2.64 -33.17
C GLY B 138 13.69 -1.91 -33.79
N ASP B 139 12.64 -2.68 -34.09
CA ASP B 139 11.48 -2.23 -34.83
C ASP B 139 10.24 -2.55 -34.01
N THR B 140 9.46 -1.53 -33.65
CA THR B 140 8.20 -1.76 -32.94
C THR B 140 7.18 -2.20 -34.00
N THR B 141 6.87 -3.49 -34.01
CA THR B 141 5.93 -4.07 -34.96
C THR B 141 4.48 -3.98 -34.49
N GLY B 142 4.26 -3.67 -33.21
CA GLY B 142 2.92 -3.65 -32.68
C GLY B 142 2.20 -2.34 -32.92
N SER B 143 0.90 -2.35 -32.63
CA SER B 143 0.11 -1.13 -32.74
C SER B 143 0.46 -0.13 -31.65
N SER B 144 1.04 -0.57 -30.54
CA SER B 144 1.37 0.32 -29.43
C SER B 144 2.81 0.10 -29.00
N VAL B 145 3.30 1.03 -28.18
CA VAL B 145 4.67 0.98 -27.66
C VAL B 145 4.63 1.41 -26.20
N THR B 146 5.46 0.79 -25.37
CA THR B 146 5.56 1.11 -23.95
C THR B 146 6.94 1.69 -23.66
N LEU B 147 6.94 2.83 -22.98
CA LEU B 147 8.12 3.54 -22.54
C LEU B 147 8.15 3.56 -21.01
N GLY B 148 9.32 3.87 -20.46
CA GLY B 148 9.45 3.89 -19.02
C GLY B 148 10.34 5.01 -18.52
N CYS B 149 10.27 5.19 -17.21
CA CYS B 149 11.07 6.17 -16.50
C CYS B 149 11.44 5.52 -15.16
N LEU B 150 12.73 5.48 -14.86
CA LEU B 150 13.23 4.90 -13.63
C LEU B 150 13.75 6.00 -12.73
N VAL B 151 13.29 6.03 -11.49
CA VAL B 151 13.59 7.10 -10.53
C VAL B 151 14.27 6.43 -9.35
N LYS B 152 15.59 6.49 -9.31
CA LYS B 152 16.36 5.61 -8.44
C LYS B 152 17.13 6.39 -7.39
N GLY B 153 17.07 5.88 -6.17
CA GLY B 153 17.99 6.28 -5.13
C GLY B 153 17.67 7.60 -4.45
N TYR B 154 16.42 7.85 -4.09
CA TYR B 154 16.08 9.12 -3.45
C TYR B 154 15.60 8.94 -2.01
N PHE B 155 15.70 10.03 -1.26
CA PHE B 155 15.13 10.08 0.07
C PHE B 155 14.84 11.52 0.43
N PRO B 156 13.73 11.82 1.12
CA PRO B 156 12.59 10.98 1.47
C PRO B 156 11.55 10.91 0.36
N GLU B 157 10.52 10.10 0.57
CA GLU B 157 9.30 10.27 -0.19
C GLU B 157 8.70 11.64 0.12
N PRO B 158 7.93 12.22 -0.80
CA PRO B 158 7.51 11.73 -2.12
C PRO B 158 8.32 12.30 -3.29
N VAL B 159 8.12 11.71 -4.47
CA VAL B 159 8.41 12.35 -5.74
C VAL B 159 7.08 12.51 -6.47
N THR B 160 7.07 13.43 -7.42
CA THR B 160 5.97 13.54 -8.36
C THR B 160 6.52 13.18 -9.73
N LEU B 161 5.83 12.29 -10.43
CA LEU B 161 6.19 11.91 -11.79
C LEU B 161 5.00 12.19 -12.69
N THR B 162 5.25 12.88 -13.80
CA THR B 162 4.26 13.10 -14.84
C THR B 162 4.89 12.76 -16.17
N TRP B 163 4.04 12.61 -17.18
CA TRP B 163 4.45 12.41 -18.56
C TRP B 163 3.94 13.58 -19.39
N ASN B 164 4.83 14.22 -20.13
CA ASN B 164 4.49 15.40 -20.93
C ASN B 164 3.72 16.41 -20.09
N SER B 165 4.23 16.64 -18.88
CA SER B 165 3.73 17.67 -17.96
C SER B 165 2.26 17.44 -17.62
N GLY B 166 1.84 16.18 -17.60
CA GLY B 166 0.46 15.85 -17.29
C GLY B 166 -0.43 15.68 -18.50
N SER B 167 -0.01 16.14 -19.68
CA SER B 167 -0.85 16.01 -20.87
C SER B 167 -1.01 14.55 -21.29
N LEU B 168 -0.11 13.69 -20.86
CA LEU B 168 -0.22 12.26 -21.12
C LEU B 168 -0.59 11.60 -19.80
N SER B 169 -1.87 11.30 -19.61
CA SER B 169 -2.35 10.67 -18.39
C SER B 169 -2.89 9.27 -18.60
N SER B 170 -3.46 8.97 -19.77
CA SER B 170 -3.98 7.64 -20.04
C SER B 170 -2.84 6.66 -20.33
N GLY B 171 -3.09 5.38 -20.03
CA GLY B 171 -2.09 4.36 -20.30
C GLY B 171 -0.84 4.46 -19.46
N VAL B 172 -0.91 5.14 -18.30
CA VAL B 172 0.24 5.30 -17.39
C VAL B 172 0.09 4.34 -16.21
N HIS B 173 1.19 3.71 -15.84
CA HIS B 173 1.28 3.01 -14.55
C HIS B 173 2.49 3.54 -13.82
N THR B 174 2.25 4.22 -12.69
CA THR B 174 3.33 4.67 -11.82
C THR B 174 3.31 3.79 -10.58
N PHE B 175 4.41 3.13 -10.34
CA PHE B 175 4.45 2.04 -9.37
C PHE B 175 4.85 2.56 -8.00
N PRO B 176 4.30 1.97 -6.94
CA PRO B 176 4.72 2.33 -5.59
C PRO B 176 6.23 2.22 -5.43
N ALA B 177 6.79 3.16 -4.70
CA ALA B 177 8.22 3.12 -4.43
C ALA B 177 8.57 1.95 -3.53
N VAL B 178 9.78 1.44 -3.69
CA VAL B 178 10.33 0.40 -2.83
C VAL B 178 11.58 0.94 -2.16
N LEU B 179 11.77 0.55 -0.91
CA LEU B 179 12.83 1.06 -0.06
C LEU B 179 13.92 -0.01 0.07
N GLN B 180 15.12 0.31 -0.38
CA GLN B 180 16.25 -0.59 -0.27
C GLN B 180 17.46 0.20 0.19
N SER B 181 18.10 -0.26 1.26
CA SER B 181 19.34 0.34 1.74
C SER B 181 19.15 1.84 1.96
N ASP B 182 18.05 2.18 2.63
CA ASP B 182 17.71 3.52 3.10
C ASP B 182 17.18 4.43 1.97
N LEU B 183 17.19 4.01 0.71
CA LEU B 183 16.77 4.86 -0.39
C LEU B 183 15.61 4.24 -1.16
N TYR B 184 14.83 5.12 -1.78
CA TYR B 184 13.66 4.70 -2.54
C TYR B 184 13.94 4.60 -4.02
N THR B 185 13.22 3.70 -4.67
CA THR B 185 13.23 3.59 -6.12
C THR B 185 11.80 3.39 -6.61
N LEU B 186 11.48 4.07 -7.71
CA LEU B 186 10.15 4.04 -8.29
C LEU B 186 10.31 3.97 -9.80
N SER B 187 9.31 3.41 -10.48
CA SER B 187 9.31 3.40 -11.93
C SER B 187 7.91 3.78 -12.40
N SER B 188 7.84 4.19 -13.65
CA SER B 188 6.56 4.46 -14.29
C SER B 188 6.63 4.01 -15.73
N SER B 189 5.55 3.39 -16.22
CA SER B 189 5.44 3.05 -17.63
C SER B 189 4.35 3.89 -18.28
N VAL B 190 4.51 4.17 -19.57
CA VAL B 190 3.43 4.77 -20.35
C VAL B 190 3.33 4.06 -21.68
N THR B 191 2.09 3.79 -22.09
CA THR B 191 1.82 3.05 -23.30
C THR B 191 1.01 3.92 -24.25
N VAL B 192 1.51 4.11 -25.47
CA VAL B 192 0.87 4.93 -26.49
C VAL B 192 0.85 4.15 -27.80
N THR B 193 0.12 4.68 -28.77
CA THR B 193 0.13 4.08 -30.09
C THR B 193 1.50 4.29 -30.72
N SER B 194 1.88 3.36 -31.60
CA SER B 194 3.19 3.44 -32.24
C SER B 194 3.29 4.61 -33.20
N SER B 195 2.17 5.16 -33.68
CA SER B 195 2.19 6.37 -34.46
C SER B 195 2.39 7.63 -33.62
N THR B 196 2.31 7.50 -32.28
CA THR B 196 2.52 8.63 -31.39
C THR B 196 4.01 8.85 -31.12
N TRP B 197 4.74 7.78 -30.84
CA TRP B 197 6.16 7.84 -30.49
C TRP B 197 6.95 6.90 -31.39
N PRO B 198 8.15 7.30 -31.84
CA PRO B 198 8.95 8.49 -31.50
C PRO B 198 8.68 9.74 -32.32
N SER B 199 7.62 9.74 -33.13
CA SER B 199 7.34 10.91 -33.96
C SER B 199 7.02 12.14 -33.11
N GLN B 200 6.38 11.95 -31.96
CA GLN B 200 6.11 13.03 -31.01
C GLN B 200 6.95 12.82 -29.77
N SER B 201 7.43 13.91 -29.18
CA SER B 201 8.25 13.79 -27.97
C SER B 201 7.43 13.30 -26.79
N ILE B 202 8.02 12.41 -26.02
CA ILE B 202 7.45 11.99 -24.75
C ILE B 202 8.54 12.15 -23.72
N THR B 203 8.24 12.89 -22.66
CA THR B 203 9.19 13.26 -21.63
C THR B 203 8.62 12.88 -20.27
N CYS B 204 9.44 12.28 -19.43
CA CYS B 204 9.04 12.04 -18.05
CA CYS B 204 9.07 12.03 -18.04
C CYS B 204 9.55 13.19 -17.19
N ASN B 205 8.66 13.74 -16.36
CA ASN B 205 8.97 14.89 -15.53
C ASN B 205 8.91 14.45 -14.07
N VAL B 206 10.01 14.63 -13.35
CA VAL B 206 10.12 14.14 -11.98
C VAL B 206 10.52 15.29 -11.07
N ALA B 207 9.74 15.47 -10.00
CA ALA B 207 10.04 16.48 -8.99
C ALA B 207 10.26 15.77 -7.67
N HIS B 208 11.34 16.14 -6.98
CA HIS B 208 11.60 15.68 -5.61
C HIS B 208 11.67 16.90 -4.72
N PRO B 209 10.57 17.30 -4.05
CA PRO B 209 10.59 18.56 -3.30
C PRO B 209 11.71 18.65 -2.27
N ALA B 210 12.05 17.54 -1.59
CA ALA B 210 12.98 17.64 -0.48
C ALA B 210 14.38 18.05 -0.91
N SER B 211 14.78 17.70 -2.13
CA SER B 211 16.00 18.26 -2.70
C SER B 211 15.72 19.44 -3.62
N SER B 212 14.45 19.84 -3.77
CA SER B 212 14.05 20.94 -4.64
C SER B 212 14.51 20.72 -6.09
N THR B 213 14.56 19.47 -6.52
CA THR B 213 15.01 19.15 -7.87
C THR B 213 13.81 18.87 -8.78
N LYS B 214 14.02 19.14 -10.06
CA LYS B 214 12.99 18.95 -11.08
C LYS B 214 13.71 18.57 -12.37
N VAL B 215 13.46 17.37 -12.86
CA VAL B 215 14.19 16.80 -13.97
C VAL B 215 13.21 16.44 -15.07
N ASP B 216 13.59 16.70 -16.31
CA ASP B 216 12.89 16.19 -17.47
C ASP B 216 13.81 15.27 -18.24
N LYS B 217 13.35 14.07 -18.56
CA LYS B 217 14.10 13.15 -19.41
C LYS B 217 13.25 12.79 -20.60
N LYS B 218 13.65 13.26 -21.79
CA LYS B 218 12.99 12.83 -23.02
C LYS B 218 13.35 11.38 -23.30
N ILE B 219 12.36 10.59 -23.71
CA ILE B 219 12.61 9.21 -24.11
C ILE B 219 13.10 9.23 -25.55
N GLU B 220 14.34 8.78 -25.78
CA GLU B 220 14.91 8.80 -27.11
C GLU B 220 15.05 7.38 -27.67
N PRO B 221 14.76 7.16 -28.95
CA PRO B 221 14.99 5.83 -29.51
C PRO B 221 16.44 5.43 -29.36
N ARG B 222 16.65 4.16 -29.04
CA ARG B 222 18.01 3.66 -28.91
C ARG B 222 18.65 3.50 -30.27
N GLY B 223 19.95 3.76 -30.33
CA GLY B 223 20.71 3.52 -31.53
C GLY B 223 21.00 2.05 -31.69
N PRO B 224 21.55 1.72 -32.86
CA PRO B 224 21.82 0.31 -33.19
C PRO B 224 23.10 -0.22 -32.59
N THR B 225 23.84 0.59 -31.84
CA THR B 225 25.00 0.13 -31.11
C THR B 225 24.90 0.56 -29.65
#